data_3R96
#
_entry.id   3R96
#
_cell.length_a   78.528
_cell.length_b   94.947
_cell.length_c   53.294
_cell.angle_alpha   90.000
_cell.angle_beta   90.000
_cell.angle_gamma   90.000
#
_symmetry.space_group_name_H-M   'P 21 21 2'
#
loop_
_entity.id
_entity.type
_entity.pdbx_description
1 polymer 'MccE protein'
2 non-polymer 'ACETYL COENZYME *A'
3 non-polymer 'ADENOSINE MONOPHOSPHATE'
4 water water
#
_entity_poly.entity_id   1
_entity_poly.type   'polypeptide(L)'
_entity_poly.pdbx_seq_one_letter_code
;GSHMRKYDVSLTPSGIKVNDEITLLYPALKYAEELYLLINQNKINFIKSMAWPAFVNNISDSVSFIEQSMIDNQNEKALI
LFIKYKTKIAGVVSFNIIDHANKTAYIGYWLGANFQGKGIVTNAINKLIQEYGDSGVIKRFVIKCIVDNKKSNATALRCG
FTLEGVLQKAEILNGVSYDQNIYSKVIG
;
_entity_poly.pdbx_strand_id   A,B
#
loop_
_chem_comp.id
_chem_comp.type
_chem_comp.name
_chem_comp.formula
ACO non-polymer 'ACETYL COENZYME *A' 'C23 H38 N7 O17 P3 S'
AMP non-polymer 'ADENOSINE MONOPHOSPHATE' 'C10 H14 N5 O7 P'
#
# COMPACT_ATOMS: atom_id res chain seq x y z
N ASP A 8 14.20 -11.50 -8.52
CA ASP A 8 13.04 -10.97 -7.75
C ASP A 8 12.32 -12.14 -7.07
N VAL A 9 12.56 -12.29 -5.78
CA VAL A 9 12.03 -13.43 -5.03
C VAL A 9 10.50 -13.37 -4.82
N SER A 10 9.90 -12.22 -5.10
CA SER A 10 8.43 -12.09 -5.01
C SER A 10 7.72 -12.75 -6.19
N LEU A 11 8.47 -13.07 -7.24
CA LEU A 11 7.92 -13.73 -8.42
C LEU A 11 8.18 -15.23 -8.27
N THR A 12 7.18 -15.94 -7.75
CA THR A 12 7.30 -17.36 -7.45
C THR A 12 6.59 -18.18 -8.53
N PRO A 13 6.86 -19.50 -8.61
CA PRO A 13 6.16 -20.31 -9.60
C PRO A 13 4.63 -20.29 -9.44
N SER A 14 4.14 -20.14 -8.21
CA SER A 14 2.69 -20.16 -7.95
C SER A 14 1.98 -18.81 -8.07
N GLY A 15 2.75 -17.73 -8.06
CA GLY A 15 2.16 -16.40 -8.13
C GLY A 15 3.08 -15.30 -7.66
N ILE A 16 2.49 -14.12 -7.48
CA ILE A 16 3.23 -12.91 -7.17
C ILE A 16 2.96 -12.56 -5.72
N LYS A 17 4.01 -12.55 -4.91
CA LYS A 17 3.87 -12.25 -3.49
C LYS A 17 3.81 -10.73 -3.29
N VAL A 18 2.65 -10.26 -2.86
CA VAL A 18 2.43 -8.83 -2.63
C VAL A 18 3.03 -8.40 -1.28
N ASN A 19 2.67 -9.14 -0.23
CA ASN A 19 3.18 -8.88 1.12
C ASN A 19 3.05 -10.18 1.92
N ASP A 20 3.23 -10.12 3.23
CA ASP A 20 3.17 -11.32 4.08
C ASP A 20 1.84 -12.06 4.04
N GLU A 21 0.76 -11.34 3.72
CA GLU A 21 -0.60 -11.88 3.77
C GLU A 21 -1.24 -12.10 2.40
N ILE A 22 -0.71 -11.46 1.36
CA ILE A 22 -1.35 -11.47 0.05
C ILE A 22 -0.44 -12.05 -1.01
N THR A 23 -0.97 -13.05 -1.73
CA THR A 23 -0.31 -13.59 -2.92
C THR A 23 -1.32 -13.56 -4.06
N LEU A 24 -0.85 -13.19 -5.24
CA LEU A 24 -1.67 -13.18 -6.44
C LEU A 24 -1.36 -14.46 -7.20
N LEU A 25 -2.28 -15.41 -7.15
CA LEU A 25 -2.05 -16.76 -7.67
C LEU A 25 -2.33 -16.88 -9.14
N TYR A 26 -1.45 -17.57 -9.85
CA TYR A 26 -1.74 -17.96 -11.23
C TYR A 26 -2.89 -18.97 -11.19
N PRO A 27 -3.89 -18.80 -12.08
CA PRO A 27 -5.03 -19.69 -12.06
C PRO A 27 -4.66 -21.15 -12.27
N ALA A 28 -5.40 -22.03 -11.63
CA ALA A 28 -5.22 -23.47 -11.73
C ALA A 28 -6.57 -24.10 -11.38
N LEU A 29 -6.83 -25.28 -11.93
CA LEU A 29 -8.12 -25.95 -11.72
C LEU A 29 -8.42 -26.27 -10.26
N LYS A 30 -7.36 -26.43 -9.47
CA LYS A 30 -7.50 -26.75 -8.05
C LYS A 30 -8.26 -25.67 -7.27
N TYR A 31 -8.33 -24.46 -7.83
CA TYR A 31 -9.01 -23.34 -7.19
C TYR A 31 -10.51 -23.25 -7.52
N ALA A 32 -10.99 -24.10 -8.44
CA ALA A 32 -12.36 -23.97 -8.94
C ALA A 32 -13.42 -24.01 -7.85
N GLU A 33 -13.31 -24.95 -6.92
CA GLU A 33 -14.33 -25.10 -5.90
C GLU A 33 -14.39 -23.89 -4.96
N GLU A 34 -13.24 -23.48 -4.46
CA GLU A 34 -13.19 -22.34 -3.55
C GLU A 34 -13.67 -21.05 -4.23
N LEU A 35 -13.24 -20.85 -5.47
CA LEU A 35 -13.65 -19.68 -6.24
C LEU A 35 -15.16 -19.66 -6.46
N TYR A 36 -15.71 -20.81 -6.88
CA TYR A 36 -17.15 -20.92 -7.05
C TYR A 36 -17.91 -20.57 -5.78
N LEU A 37 -17.51 -21.16 -4.66
CA LEU A 37 -18.21 -20.93 -3.40
C LEU A 37 -18.16 -19.48 -2.98
N LEU A 38 -17.03 -18.83 -3.23
CA LEU A 38 -16.87 -17.41 -2.92
C LEU A 38 -17.82 -16.55 -3.76
N ILE A 39 -17.86 -16.81 -5.07
CA ILE A 39 -18.78 -16.09 -5.95
C ILE A 39 -20.22 -16.32 -5.49
N ASN A 40 -20.56 -17.57 -5.20
CA ASN A 40 -21.91 -17.90 -4.79
C ASN A 40 -22.33 -17.14 -3.54
N GLN A 41 -21.42 -17.06 -2.55
CA GLN A 41 -21.68 -16.33 -1.32
C GLN A 41 -21.97 -14.85 -1.57
N ASN A 42 -21.38 -14.30 -2.62
CA ASN A 42 -21.44 -12.87 -2.91
C ASN A 42 -22.32 -12.48 -4.09
N LYS A 43 -23.03 -13.46 -4.65
CA LYS A 43 -23.74 -13.26 -5.91
C LYS A 43 -24.72 -12.08 -5.89
N ILE A 44 -25.57 -12.02 -4.86
CA ILE A 44 -26.59 -10.98 -4.82
C ILE A 44 -25.97 -9.58 -4.85
N ASN A 45 -24.97 -9.35 -4.02
CA ASN A 45 -24.26 -8.07 -4.03
C ASN A 45 -23.46 -7.81 -5.30
N PHE A 46 -22.79 -8.83 -5.81
CA PHE A 46 -21.94 -8.67 -7.00
C PHE A 46 -22.73 -8.31 -8.25
N ILE A 47 -23.96 -8.83 -8.36
CA ILE A 47 -24.81 -8.55 -9.51
C ILE A 47 -25.10 -7.06 -9.65
N LYS A 48 -25.05 -6.33 -8.53
CA LYS A 48 -25.26 -4.87 -8.58
C LYS A 48 -24.19 -4.12 -9.36
N SER A 49 -22.99 -4.69 -9.49
CA SER A 49 -21.88 -3.95 -10.12
C SER A 49 -21.16 -4.68 -11.25
N MET A 50 -21.49 -5.94 -11.50
CA MET A 50 -20.84 -6.73 -12.55
C MET A 50 -21.90 -7.58 -13.26
N ALA A 51 -21.64 -7.92 -14.53
CA ALA A 51 -22.64 -8.54 -15.42
C ALA A 51 -22.53 -10.05 -15.57
N TRP A 52 -21.44 -10.63 -15.06
CA TRP A 52 -21.21 -12.07 -15.14
C TRP A 52 -21.69 -12.89 -13.93
N PRO A 53 -21.72 -12.29 -12.70
CA PRO A 53 -22.11 -13.14 -11.56
C PRO A 53 -23.51 -13.75 -11.66
N ALA A 54 -24.41 -13.07 -12.37
CA ALA A 54 -25.80 -13.55 -12.50
C ALA A 54 -25.86 -14.94 -13.12
N PHE A 55 -24.81 -15.32 -13.87
CA PHE A 55 -24.80 -16.57 -14.62
C PHE A 55 -23.86 -17.63 -14.05
N VAL A 56 -23.29 -17.36 -12.88
CA VAL A 56 -22.44 -18.36 -12.21
C VAL A 56 -23.32 -19.24 -11.34
N ASN A 57 -23.70 -20.38 -11.87
CA ASN A 57 -24.72 -21.22 -11.24
C ASN A 57 -24.26 -22.58 -10.74
N ASN A 58 -23.06 -22.96 -11.16
CA ASN A 58 -22.49 -24.24 -10.79
C ASN A 58 -20.97 -24.16 -10.86
N ILE A 59 -20.31 -25.03 -10.11
CA ILE A 59 -18.85 -25.12 -10.14
C ILE A 59 -18.30 -25.23 -11.57
N SER A 60 -19.04 -25.88 -12.47
CA SER A 60 -18.61 -26.02 -13.87
C SER A 60 -18.39 -24.66 -14.55
N ASP A 61 -19.14 -23.64 -14.12
CA ASP A 61 -18.96 -22.29 -14.63
C ASP A 61 -17.60 -21.73 -14.22
N SER A 62 -17.19 -22.02 -12.98
CA SER A 62 -15.89 -21.59 -12.48
C SER A 62 -14.76 -22.35 -13.16
N VAL A 63 -14.96 -23.65 -13.37
CA VAL A 63 -14.01 -24.46 -14.14
C VAL A 63 -13.78 -23.85 -15.52
N SER A 64 -14.86 -23.53 -16.22
CA SER A 64 -14.76 -22.94 -17.56
C SER A 64 -14.03 -21.59 -17.54
N PHE A 65 -14.33 -20.78 -16.53
CA PHE A 65 -13.63 -19.50 -16.36
C PHE A 65 -12.13 -19.70 -16.16
N ILE A 66 -11.77 -20.65 -15.30
CA ILE A 66 -10.36 -20.94 -15.07
C ILE A 66 -9.66 -21.43 -16.34
N GLU A 67 -10.33 -22.32 -17.09
CA GLU A 67 -9.77 -22.83 -18.34
C GLU A 67 -9.50 -21.70 -19.32
N GLN A 68 -10.48 -20.82 -19.52
CA GLN A 68 -10.30 -19.69 -20.42
C GLN A 68 -9.21 -18.72 -19.92
N SER A 69 -9.20 -18.46 -18.60
CA SER A 69 -8.20 -17.57 -18.00
C SER A 69 -6.77 -18.10 -18.22
N MET A 70 -6.61 -19.42 -18.11
CA MET A 70 -5.30 -20.04 -18.32
C MET A 70 -4.83 -19.90 -19.76
N ILE A 71 -5.76 -20.03 -20.70
CA ILE A 71 -5.46 -19.85 -22.11
C ILE A 71 -5.03 -18.41 -22.38
N ASP A 72 -5.81 -17.46 -21.87
CA ASP A 72 -5.50 -16.04 -22.08
C ASP A 72 -4.18 -15.64 -21.42
N ASN A 73 -3.93 -16.15 -20.22
CA ASN A 73 -2.66 -15.90 -19.53
C ASN A 73 -1.47 -16.44 -20.31
N GLN A 74 -1.59 -17.68 -20.81
CA GLN A 74 -0.53 -18.31 -21.61
C GLN A 74 -0.12 -17.44 -22.79
N ASN A 75 -1.12 -16.84 -23.43
CA ASN A 75 -0.92 -16.07 -24.64
C ASN A 75 -0.80 -14.58 -24.43
N GLU A 76 -0.74 -14.17 -23.17
CA GLU A 76 -0.63 -12.76 -22.76
C GLU A 76 -1.74 -11.88 -23.35
N LYS A 77 -2.92 -12.44 -23.54
CA LYS A 77 -4.10 -11.67 -23.92
C LYS A 77 -4.63 -10.94 -22.69
N ALA A 78 -4.39 -11.54 -21.52
CA ALA A 78 -4.87 -11.05 -20.24
C ALA A 78 -3.91 -11.52 -19.17
N LEU A 79 -4.07 -10.99 -17.97
CA LEU A 79 -3.41 -11.51 -16.79
C LEU A 79 -4.45 -11.65 -15.69
N ILE A 80 -4.96 -12.86 -15.52
CA ILE A 80 -5.99 -13.13 -14.53
C ILE A 80 -5.30 -13.76 -13.32
N LEU A 81 -5.52 -13.19 -12.14
CA LEU A 81 -4.88 -13.66 -10.92
C LEU A 81 -5.91 -13.82 -9.81
N PHE A 82 -5.75 -14.87 -9.01
CA PHE A 82 -6.65 -15.11 -7.89
C PHE A 82 -5.99 -14.61 -6.62
N ILE A 83 -6.66 -13.70 -5.93
CA ILE A 83 -6.08 -13.10 -4.74
C ILE A 83 -6.21 -14.07 -3.57
N LYS A 84 -5.07 -14.41 -2.97
CA LYS A 84 -5.06 -15.22 -1.76
C LYS A 84 -4.71 -14.31 -0.59
N TYR A 85 -5.60 -14.25 0.39
CA TYR A 85 -5.39 -13.47 1.60
C TYR A 85 -5.37 -14.45 2.76
N LYS A 86 -4.22 -14.51 3.45
CA LYS A 86 -4.00 -15.54 4.46
C LYS A 86 -4.20 -16.91 3.80
N THR A 87 -5.14 -17.71 4.27
CA THR A 87 -5.33 -19.06 3.71
C THR A 87 -6.41 -19.13 2.64
N LYS A 88 -7.09 -18.02 2.37
CA LYS A 88 -8.30 -18.05 1.55
C LYS A 88 -8.19 -17.29 0.25
N ILE A 89 -8.87 -17.80 -0.78
CA ILE A 89 -9.11 -16.98 -1.97
C ILE A 89 -10.07 -15.85 -1.60
N ALA A 90 -9.66 -14.63 -1.89
CA ALA A 90 -10.40 -13.43 -1.50
C ALA A 90 -11.14 -12.78 -2.67
N GLY A 91 -10.71 -13.09 -3.89
CA GLY A 91 -11.25 -12.45 -5.08
C GLY A 91 -10.28 -12.58 -6.23
N VAL A 92 -10.43 -11.67 -7.19
CA VAL A 92 -9.69 -11.69 -8.44
C VAL A 92 -9.14 -10.30 -8.72
N VAL A 93 -7.91 -10.22 -9.21
CA VAL A 93 -7.40 -8.98 -9.81
C VAL A 93 -6.83 -9.33 -11.17
N SER A 94 -6.99 -8.44 -12.13
CA SER A 94 -6.64 -8.79 -13.50
C SER A 94 -6.19 -7.62 -14.35
N PHE A 95 -5.36 -7.93 -15.33
CA PHE A 95 -5.34 -7.15 -16.55
C PHE A 95 -6.31 -7.86 -17.47
N ASN A 96 -7.53 -7.36 -17.57
CA ASN A 96 -8.54 -8.01 -18.41
C ASN A 96 -8.19 -7.94 -19.90
N ILE A 97 -7.49 -6.87 -20.28
CA ILE A 97 -6.98 -6.70 -21.64
C ILE A 97 -5.55 -6.21 -21.53
N ILE A 98 -4.65 -6.87 -22.26
CA ILE A 98 -3.28 -6.37 -22.44
C ILE A 98 -3.12 -6.01 -23.90
N ASP A 99 -2.85 -4.74 -24.15
CA ASP A 99 -2.57 -4.22 -25.48
C ASP A 99 -1.06 -4.00 -25.60
N HIS A 100 -0.36 -5.02 -26.09
CA HIS A 100 1.10 -4.97 -26.18
C HIS A 100 1.59 -3.86 -27.11
N ALA A 101 0.92 -3.71 -28.25
CA ALA A 101 1.32 -2.72 -29.25
C ALA A 101 1.35 -1.31 -28.67
N ASN A 102 0.43 -1.02 -27.76
CA ASN A 102 0.35 0.29 -27.13
C ASN A 102 0.79 0.28 -25.67
N LYS A 103 1.40 -0.83 -25.26
CA LYS A 103 1.88 -1.02 -23.88
C LYS A 103 0.86 -0.54 -22.83
N THR A 104 -0.37 -1.02 -22.98
CA THR A 104 -1.49 -0.60 -22.15
C THR A 104 -2.17 -1.81 -21.54
N ALA A 105 -2.48 -1.73 -20.25
CA ALA A 105 -3.22 -2.77 -19.54
C ALA A 105 -4.48 -2.19 -18.90
N TYR A 106 -5.60 -2.90 -19.05
CA TYR A 106 -6.88 -2.51 -18.48
C TYR A 106 -7.16 -3.41 -17.28
N ILE A 107 -7.39 -2.79 -16.13
CA ILE A 107 -7.46 -3.51 -14.85
C ILE A 107 -8.90 -3.80 -14.41
N GLY A 108 -9.10 -4.97 -13.83
CA GLY A 108 -10.37 -5.32 -13.18
C GLY A 108 -10.12 -5.96 -11.84
N TYR A 109 -11.14 -5.99 -10.99
CA TYR A 109 -10.99 -6.56 -9.65
C TYR A 109 -12.33 -6.80 -8.97
N TRP A 110 -12.33 -7.76 -8.06
CA TRP A 110 -13.41 -7.91 -7.10
C TRP A 110 -12.91 -8.62 -5.84
N LEU A 111 -13.60 -8.37 -4.73
CA LEU A 111 -13.37 -9.03 -3.46
C LEU A 111 -14.65 -9.49 -2.84
N GLY A 112 -14.63 -10.66 -2.21
CA GLY A 112 -15.75 -11.09 -1.38
C GLY A 112 -15.96 -10.08 -0.26
N ALA A 113 -17.21 -9.95 0.19
CA ALA A 113 -17.57 -9.00 1.25
C ALA A 113 -16.69 -9.12 2.48
N ASN A 114 -16.35 -10.34 2.87
CA ASN A 114 -15.55 -10.56 4.08
C ASN A 114 -14.09 -10.15 3.92
N PHE A 115 -13.72 -9.78 2.69
CA PHE A 115 -12.34 -9.38 2.38
C PHE A 115 -12.21 -7.89 2.05
N GLN A 116 -13.33 -7.19 2.01
CA GLN A 116 -13.33 -5.76 1.71
C GLN A 116 -12.94 -4.94 2.94
N GLY A 117 -12.39 -3.76 2.72
CA GLY A 117 -12.00 -2.88 3.83
C GLY A 117 -10.64 -3.19 4.41
N LYS A 118 -9.83 -3.95 3.68
CA LYS A 118 -8.52 -4.39 4.16
C LYS A 118 -7.36 -3.92 3.28
N GLY A 119 -7.66 -3.09 2.28
CA GLY A 119 -6.64 -2.61 1.33
C GLY A 119 -6.08 -3.67 0.40
N ILE A 120 -6.77 -4.79 0.26
CA ILE A 120 -6.21 -5.91 -0.47
C ILE A 120 -6.04 -5.63 -1.97
N VAL A 121 -7.05 -5.02 -2.59
CA VAL A 121 -6.98 -4.71 -4.01
C VAL A 121 -6.00 -3.55 -4.28
N THR A 122 -6.01 -2.53 -3.43
CA THR A 122 -5.04 -1.44 -3.57
C THR A 122 -3.61 -1.98 -3.50
N ASN A 123 -3.32 -2.85 -2.52
CA ASN A 123 -2.00 -3.45 -2.43
C ASN A 123 -1.67 -4.30 -3.65
N ALA A 124 -2.63 -5.08 -4.13
CA ALA A 124 -2.43 -5.91 -5.32
C ALA A 124 -2.11 -5.07 -6.56
N ILE A 125 -2.89 -4.01 -6.78
CA ILE A 125 -2.68 -3.15 -7.94
C ILE A 125 -1.33 -2.45 -7.87
N ASN A 126 -0.98 -1.91 -6.70
CA ASN A 126 0.33 -1.29 -6.55
C ASN A 126 1.45 -2.25 -6.92
N LYS A 127 1.35 -3.51 -6.47
CA LYS A 127 2.36 -4.52 -6.79
C LYS A 127 2.45 -4.80 -8.30
N LEU A 128 1.30 -4.93 -8.94
CA LEU A 128 1.26 -5.19 -10.38
C LEU A 128 1.86 -4.04 -11.18
N ILE A 129 1.59 -2.81 -10.75
CA ILE A 129 2.13 -1.65 -11.44
C ILE A 129 3.64 -1.53 -11.25
N GLN A 130 4.12 -1.86 -10.06
CA GLN A 130 5.56 -1.95 -9.83
C GLN A 130 6.17 -2.97 -10.79
N GLU A 131 5.61 -4.18 -10.81
CA GLU A 131 6.22 -5.27 -11.56
C GLU A 131 6.19 -5.07 -13.07
N TYR A 132 5.05 -4.61 -13.59
CA TYR A 132 4.87 -4.45 -15.04
C TYR A 132 5.23 -3.05 -15.53
N GLY A 133 5.11 -2.06 -14.66
CA GLY A 133 5.33 -0.67 -15.04
C GLY A 133 6.78 -0.24 -14.90
N ASP A 134 7.38 -0.51 -13.75
CA ASP A 134 8.76 -0.10 -13.51
C ASP A 134 9.76 -0.96 -14.29
N SER A 135 9.28 -2.06 -14.88
CA SER A 135 10.06 -2.90 -15.77
C SER A 135 9.95 -2.50 -17.24
N GLY A 136 9.00 -1.62 -17.56
CA GLY A 136 8.81 -1.13 -18.93
C GLY A 136 7.93 -1.97 -19.84
N VAL A 137 7.27 -2.99 -19.29
CA VAL A 137 6.37 -3.83 -20.09
C VAL A 137 5.09 -3.05 -20.43
N ILE A 138 4.55 -2.35 -19.43
CA ILE A 138 3.34 -1.56 -19.57
C ILE A 138 3.64 -0.11 -19.24
N LYS A 139 3.25 0.78 -20.13
CA LYS A 139 3.43 2.23 -19.95
C LYS A 139 2.19 2.88 -19.37
N ARG A 140 1.02 2.35 -19.71
CA ARG A 140 -0.26 2.95 -19.37
C ARG A 140 -1.17 1.90 -18.74
N PHE A 141 -1.59 2.17 -17.51
CA PHE A 141 -2.57 1.34 -16.79
C PHE A 141 -3.89 2.07 -16.75
N VAL A 142 -4.98 1.34 -16.97
CA VAL A 142 -6.30 1.95 -17.07
C VAL A 142 -7.28 1.24 -16.15
N ILE A 143 -8.06 2.04 -15.44
CA ILE A 143 -9.24 1.53 -14.73
C ILE A 143 -10.47 2.25 -15.27
N LYS A 144 -11.42 1.48 -15.80
CA LYS A 144 -12.73 2.02 -16.19
C LYS A 144 -13.76 1.45 -15.24
N CYS A 145 -14.61 2.30 -14.67
CA CYS A 145 -15.66 1.79 -13.79
C CYS A 145 -16.86 2.70 -13.81
N ILE A 146 -18.03 2.11 -13.58
CA ILE A 146 -19.28 2.85 -13.60
C ILE A 146 -19.21 3.99 -12.59
N VAL A 147 -19.73 5.14 -13.01
CA VAL A 147 -19.62 6.39 -12.26
C VAL A 147 -20.13 6.26 -10.82
N ASP A 148 -21.22 5.52 -10.65
CA ASP A 148 -21.84 5.35 -9.31
C ASP A 148 -21.29 4.18 -8.48
N ASN A 149 -20.25 3.51 -8.96
CA ASN A 149 -19.60 2.46 -8.20
C ASN A 149 -18.62 3.11 -7.23
N LYS A 150 -19.12 3.43 -6.05
CA LYS A 150 -18.37 4.22 -5.07
C LYS A 150 -17.03 3.59 -4.71
N LYS A 151 -17.05 2.31 -4.33
CA LYS A 151 -15.84 1.65 -3.89
C LYS A 151 -14.80 1.47 -4.98
N SER A 152 -15.25 1.21 -6.21
CA SER A 152 -14.29 1.03 -7.30
C SER A 152 -13.60 2.35 -7.66
N ASN A 153 -14.38 3.44 -7.68
CA ASN A 153 -13.81 4.76 -7.90
C ASN A 153 -12.80 5.12 -6.82
N ALA A 154 -13.14 4.83 -5.56
CA ALA A 154 -12.24 5.10 -4.45
C ALA A 154 -10.92 4.31 -4.59
N THR A 155 -11.01 3.05 -5.00
CA THR A 155 -9.83 2.23 -5.22
C THR A 155 -8.91 2.84 -6.30
N ALA A 156 -9.49 3.25 -7.42
CA ALA A 156 -8.72 3.86 -8.48
C ALA A 156 -7.93 5.07 -7.97
N LEU A 157 -8.61 5.95 -7.24
CA LEU A 157 -7.95 7.13 -6.69
C LEU A 157 -6.89 6.79 -5.63
N ARG A 158 -7.19 5.81 -4.77
CA ARG A 158 -6.27 5.34 -3.73
C ARG A 158 -4.97 4.78 -4.33
N CYS A 159 -5.06 4.24 -5.54
CA CYS A 159 -3.89 3.71 -6.26
C CYS A 159 -3.16 4.76 -7.07
N GLY A 160 -3.56 6.03 -6.93
CA GLY A 160 -2.83 7.12 -7.59
C GLY A 160 -3.16 7.31 -9.06
N PHE A 161 -4.32 6.79 -9.49
CA PHE A 161 -4.79 7.01 -10.86
C PHE A 161 -5.40 8.40 -11.00
N THR A 162 -5.37 8.93 -12.22
CA THR A 162 -5.95 10.24 -12.53
C THR A 162 -7.17 10.06 -13.43
N LEU A 163 -8.26 10.75 -13.09
CA LEU A 163 -9.45 10.75 -13.93
C LEU A 163 -9.18 11.46 -15.25
N GLU A 164 -9.44 10.77 -16.36
CA GLU A 164 -9.26 11.33 -17.71
C GLU A 164 -10.58 11.81 -18.33
N GLY A 165 -11.69 11.23 -17.92
CA GLY A 165 -12.99 11.67 -18.43
C GLY A 165 -14.09 10.67 -18.13
N VAL A 166 -15.25 10.96 -18.69
CA VAL A 166 -16.43 10.11 -18.54
C VAL A 166 -16.80 9.53 -19.91
N LEU A 167 -16.86 8.21 -19.95
CA LEU A 167 -17.28 7.48 -21.14
C LEU A 167 -18.78 7.28 -21.07
N GLN A 168 -19.51 7.96 -21.95
CA GLN A 168 -20.97 7.96 -21.93
C GLN A 168 -21.54 6.60 -22.30
N LYS A 169 -22.39 6.05 -21.43
CA LYS A 169 -23.17 4.84 -21.74
C LYS A 169 -22.28 3.71 -22.24
N ALA A 170 -21.20 3.47 -21.51
CA ALA A 170 -20.14 2.57 -21.95
C ALA A 170 -20.20 1.16 -21.35
N GLU A 171 -20.95 0.97 -20.28
CA GLU A 171 -21.00 -0.34 -19.64
C GLU A 171 -22.44 -0.77 -19.41
N ILE A 172 -22.80 -1.94 -19.90
CA ILE A 172 -24.18 -2.44 -19.80
C ILE A 172 -24.31 -3.52 -18.72
N LEU A 173 -25.22 -3.28 -17.80
CA LEU A 173 -25.60 -4.28 -16.81
C LEU A 173 -27.09 -4.51 -16.98
N ASN A 174 -27.47 -5.75 -17.25
CA ASN A 174 -28.88 -6.10 -17.34
C ASN A 174 -29.66 -5.22 -18.31
N GLY A 175 -29.08 -5.00 -19.49
CA GLY A 175 -29.75 -4.26 -20.54
C GLY A 175 -29.79 -2.75 -20.38
N VAL A 176 -29.13 -2.22 -19.35
CA VAL A 176 -29.06 -0.78 -19.15
C VAL A 176 -27.62 -0.31 -19.29
N SER A 177 -27.40 0.73 -20.09
CA SER A 177 -26.07 1.32 -20.28
C SER A 177 -25.77 2.39 -19.23
N TYR A 178 -24.58 2.30 -18.62
CA TYR A 178 -24.14 3.25 -17.59
C TYR A 178 -22.88 3.96 -18.03
N ASP A 179 -22.73 5.21 -17.58
CA ASP A 179 -21.49 5.96 -17.81
C ASP A 179 -20.36 5.38 -16.98
N GLN A 180 -19.15 5.45 -17.52
CA GLN A 180 -17.95 5.04 -16.80
C GLN A 180 -17.01 6.21 -16.60
N ASN A 181 -16.35 6.25 -15.45
CA ASN A 181 -15.15 7.05 -15.31
C ASN A 181 -13.98 6.27 -15.88
N ILE A 182 -13.10 6.93 -16.62
CA ILE A 182 -11.86 6.32 -17.07
C ILE A 182 -10.68 7.00 -16.37
N TYR A 183 -9.89 6.17 -15.68
CA TYR A 183 -8.71 6.62 -14.94
C TYR A 183 -7.46 6.00 -15.56
N SER A 184 -6.34 6.70 -15.44
CA SER A 184 -5.08 6.13 -15.87
C SER A 184 -3.95 6.37 -14.89
N LYS A 185 -2.95 5.50 -14.96
CA LYS A 185 -1.67 5.73 -14.31
C LYS A 185 -0.61 5.42 -15.35
N VAL A 186 0.20 6.43 -15.65
CA VAL A 186 1.19 6.34 -16.71
C VAL A 186 2.58 6.35 -16.11
N ILE A 187 3.43 5.45 -16.59
CA ILE A 187 4.82 5.37 -16.13
C ILE A 187 5.71 6.29 -16.94
N GLY B 15 0.78 22.50 12.10
CA GLY B 15 1.28 21.23 11.50
C GLY B 15 0.72 20.99 10.11
N ILE B 16 1.00 19.80 9.60
CA ILE B 16 0.51 19.38 8.29
C ILE B 16 -0.68 18.47 8.50
N LYS B 17 -1.84 18.87 7.97
CA LYS B 17 -3.05 18.07 8.11
C LYS B 17 -3.05 16.91 7.11
N VAL B 18 -3.25 15.71 7.63
CA VAL B 18 -3.32 14.50 6.81
C VAL B 18 -4.78 14.19 6.47
N ASN B 19 -5.63 14.16 7.50
CA ASN B 19 -7.07 14.02 7.34
C ASN B 19 -7.74 14.54 8.62
N ASP B 20 -9.04 14.32 8.78
CA ASP B 20 -9.74 14.87 9.94
C ASP B 20 -9.35 14.22 11.26
N GLU B 21 -8.64 13.10 11.19
CA GLU B 21 -8.18 12.39 12.38
C GLU B 21 -6.70 12.61 12.69
N ILE B 22 -5.91 12.98 11.68
CA ILE B 22 -4.45 13.04 11.81
C ILE B 22 -3.88 14.38 11.38
N THR B 23 -3.08 14.98 12.26
CA THR B 23 -2.25 16.12 11.91
C THR B 23 -0.82 15.83 12.35
N LEU B 24 0.15 16.20 11.51
CA LEU B 24 1.56 16.02 11.81
C LEU B 24 2.08 17.34 12.36
N LEU B 25 2.34 17.36 13.67
CA LEU B 25 2.69 18.59 14.37
C LEU B 25 4.17 18.90 14.27
N TYR B 26 4.47 20.17 14.03
CA TYR B 26 5.82 20.68 14.21
C TYR B 26 6.18 20.54 15.69
N PRO B 27 7.39 20.02 16.01
CA PRO B 27 7.76 19.85 17.41
C PRO B 27 7.69 21.14 18.22
N ALA B 28 7.28 20.99 19.48
CA ALA B 28 7.14 22.10 20.42
C ALA B 28 7.28 21.51 21.81
N LEU B 29 7.82 22.30 22.73
CA LEU B 29 8.11 21.86 24.09
C LEU B 29 6.88 21.43 24.88
N LYS B 30 5.72 21.98 24.51
CA LYS B 30 4.49 21.66 25.22
C LYS B 30 4.03 20.21 25.01
N TYR B 31 4.70 19.49 24.11
CA TYR B 31 4.41 18.08 23.85
C TYR B 31 5.37 17.13 24.58
N ALA B 32 6.31 17.70 25.33
CA ALA B 32 7.37 16.91 25.98
C ALA B 32 6.86 15.80 26.90
N GLU B 33 5.96 16.17 27.81
CA GLU B 33 5.43 15.22 28.78
C GLU B 33 4.65 14.11 28.09
N GLU B 34 3.76 14.48 27.17
CA GLU B 34 2.95 13.49 26.47
C GLU B 34 3.84 12.52 25.67
N LEU B 35 4.85 13.06 24.99
CA LEU B 35 5.79 12.22 24.24
C LEU B 35 6.56 11.27 25.15
N TYR B 36 7.12 11.82 26.23
CA TYR B 36 7.87 11.04 27.21
C TYR B 36 7.04 9.88 27.78
N LEU B 37 5.80 10.18 28.19
CA LEU B 37 4.94 9.16 28.77
C LEU B 37 4.59 8.07 27.77
N LEU B 38 4.40 8.46 26.51
CA LEU B 38 4.09 7.51 25.44
C LEU B 38 5.27 6.57 25.19
N ILE B 39 6.48 7.13 25.14
CA ILE B 39 7.69 6.31 25.01
C ILE B 39 7.81 5.32 26.17
N ASN B 40 7.63 5.82 27.39
CA ASN B 40 7.72 4.98 28.59
C ASN B 40 6.78 3.77 28.57
N GLN B 41 5.53 4.00 28.19
CA GLN B 41 4.52 2.94 28.12
C GLN B 41 4.93 1.83 27.14
N ASN B 42 5.70 2.22 26.12
CA ASN B 42 6.07 1.34 25.02
C ASN B 42 7.51 0.87 25.06
N LYS B 43 8.23 1.25 26.13
CA LYS B 43 9.69 1.17 26.15
C LYS B 43 10.25 -0.22 25.92
N ILE B 44 9.74 -1.20 26.66
CA ILE B 44 10.27 -2.55 26.58
C ILE B 44 10.01 -3.17 25.20
N ASN B 45 8.84 -2.94 24.63
CA ASN B 45 8.57 -3.39 23.27
C ASN B 45 9.42 -2.65 22.24
N PHE B 46 9.59 -1.34 22.44
CA PHE B 46 10.37 -0.50 21.52
C PHE B 46 11.84 -0.87 21.47
N ILE B 47 12.37 -1.36 22.58
CA ILE B 47 13.78 -1.76 22.64
C ILE B 47 14.06 -2.97 21.73
N LYS B 48 13.01 -3.69 21.37
CA LYS B 48 13.12 -4.79 20.42
C LYS B 48 13.35 -4.32 18.97
N SER B 49 13.05 -3.05 18.68
CA SER B 49 13.06 -2.54 17.31
C SER B 49 13.88 -1.26 17.08
N MET B 50 14.19 -0.54 18.15
CA MET B 50 14.87 0.76 18.04
C MET B 50 15.86 0.89 19.18
N ALA B 51 16.96 1.62 18.95
CA ALA B 51 18.05 1.71 19.93
C ALA B 51 17.87 2.82 20.97
N TRP B 52 17.30 3.94 20.53
CA TRP B 52 17.22 5.14 21.37
C TRP B 52 16.26 5.07 22.58
N PRO B 53 15.19 4.23 22.55
CA PRO B 53 14.26 4.31 23.68
C PRO B 53 14.86 3.98 25.05
N ALA B 54 15.91 3.16 25.07
CA ALA B 54 16.59 2.76 26.30
C ALA B 54 17.16 3.95 27.07
N PHE B 55 17.44 5.03 26.34
CA PHE B 55 18.07 6.23 26.91
C PHE B 55 17.07 7.33 27.28
N VAL B 56 15.79 7.12 26.99
CA VAL B 56 14.76 8.11 27.33
C VAL B 56 14.27 7.87 28.76
N ASN B 57 14.96 8.47 29.72
CA ASN B 57 14.75 8.17 31.13
C ASN B 57 13.97 9.22 31.89
N ASN B 58 14.19 10.48 31.54
CA ASN B 58 13.56 11.62 32.20
C ASN B 58 12.83 12.48 31.17
N ILE B 59 11.88 13.28 31.63
CA ILE B 59 11.17 14.22 30.76
C ILE B 59 12.16 15.14 30.04
N SER B 60 13.23 15.51 30.73
CA SER B 60 14.29 16.36 30.15
C SER B 60 14.94 15.75 28.90
N ASP B 61 14.94 14.42 28.82
CA ASP B 61 15.43 13.72 27.61
C ASP B 61 14.53 13.98 26.41
N SER B 62 13.21 13.97 26.64
CA SER B 62 12.25 14.31 25.59
C SER B 62 12.35 15.80 25.24
N VAL B 63 12.60 16.63 26.25
CA VAL B 63 12.83 18.07 26.02
C VAL B 63 14.06 18.27 25.12
N SER B 64 15.14 17.55 25.45
CA SER B 64 16.37 17.61 24.65
C SER B 64 16.12 17.19 23.20
N PHE B 65 15.38 16.11 23.02
CA PHE B 65 15.04 15.64 21.67
C PHE B 65 14.22 16.67 20.88
N ILE B 66 13.23 17.26 21.54
CA ILE B 66 12.38 18.29 20.91
C ILE B 66 13.21 19.51 20.51
N GLU B 67 14.05 19.98 21.43
CA GLU B 67 14.92 21.13 21.16
C GLU B 67 15.80 20.88 19.93
N GLN B 68 16.43 19.71 19.88
CA GLN B 68 17.29 19.33 18.77
C GLN B 68 16.51 19.19 17.47
N SER B 69 15.31 18.60 17.55
CA SER B 69 14.45 18.40 16.39
C SER B 69 13.98 19.72 15.78
N MET B 70 13.73 20.71 16.63
CA MET B 70 13.33 22.05 16.16
C MET B 70 14.47 22.70 15.36
N ILE B 71 15.70 22.53 15.84
CA ILE B 71 16.89 23.04 15.15
C ILE B 71 17.10 22.30 13.82
N ASP B 72 16.99 20.98 13.85
CA ASP B 72 17.17 20.15 12.66
C ASP B 72 16.12 20.46 11.58
N ASN B 73 14.88 20.69 12.00
CA ASN B 73 13.81 21.09 11.10
C ASN B 73 14.11 22.42 10.41
N GLN B 74 14.58 23.39 11.19
CA GLN B 74 14.96 24.72 10.70
C GLN B 74 16.09 24.65 9.68
N ASN B 75 17.07 23.81 9.94
CA ASN B 75 18.24 23.64 9.07
C ASN B 75 17.97 22.80 7.83
N GLU B 76 16.80 22.17 7.78
CA GLU B 76 16.36 21.31 6.65
C GLU B 76 17.24 20.06 6.47
N LYS B 77 17.98 19.71 7.52
CA LYS B 77 18.80 18.50 7.57
C LYS B 77 17.91 17.26 7.74
N ALA B 78 16.75 17.48 8.35
CA ALA B 78 15.81 16.43 8.71
C ALA B 78 14.43 17.05 8.81
N LEU B 79 13.42 16.21 8.90
CA LEU B 79 12.06 16.64 9.17
C LEU B 79 11.49 15.71 10.24
N ILE B 80 11.24 16.26 11.43
CA ILE B 80 10.71 15.49 12.54
C ILE B 80 9.32 16.04 12.86
N LEU B 81 8.31 15.17 12.84
CA LEU B 81 6.94 15.57 13.12
C LEU B 81 6.30 14.66 14.14
N PHE B 82 5.47 15.25 15.00
CA PHE B 82 4.77 14.48 16.02
C PHE B 82 3.36 14.19 15.54
N ILE B 83 3.01 12.91 15.49
CA ILE B 83 1.72 12.52 14.97
C ILE B 83 0.65 12.78 16.03
N LYS B 84 -0.36 13.59 15.69
CA LYS B 84 -1.51 13.79 16.56
C LYS B 84 -2.73 13.12 15.95
N TYR B 85 -3.26 12.13 16.67
CA TYR B 85 -4.39 11.34 16.22
C TYR B 85 -5.54 11.50 17.21
N LYS B 86 -6.65 12.03 16.71
CA LYS B 86 -7.86 12.20 17.52
C LYS B 86 -7.56 12.81 18.89
N THR B 87 -6.78 13.90 18.85
CA THR B 87 -6.38 14.76 19.99
C THR B 87 -5.17 14.28 20.79
N LYS B 88 -4.65 13.08 20.50
CA LYS B 88 -3.55 12.52 21.28
C LYS B 88 -2.28 12.37 20.47
N ILE B 89 -1.14 12.61 21.11
CA ILE B 89 0.15 12.30 20.50
C ILE B 89 0.24 10.78 20.34
N ALA B 90 0.47 10.34 19.10
CA ALA B 90 0.43 8.93 18.75
C ALA B 90 1.82 8.35 18.45
N GLY B 91 2.78 9.21 18.13
CA GLY B 91 4.10 8.78 17.72
C GLY B 91 4.80 9.84 16.91
N VAL B 92 5.77 9.39 16.12
CA VAL B 92 6.64 10.30 15.36
C VAL B 92 6.77 9.75 13.94
N VAL B 93 6.77 10.66 12.97
CA VAL B 93 7.14 10.31 11.59
C VAL B 93 8.18 11.33 11.15
N SER B 94 9.17 10.86 10.39
CA SER B 94 10.31 11.71 10.08
C SER B 94 10.95 11.42 8.75
N PHE B 95 11.58 12.44 8.20
CA PHE B 95 12.71 12.24 7.31
C PHE B 95 13.91 12.36 8.23
N ASN B 96 14.48 11.22 8.64
CA ASN B 96 15.67 11.22 9.50
C ASN B 96 16.84 11.94 8.85
N ILE B 97 16.95 11.78 7.54
CA ILE B 97 17.99 12.43 6.75
C ILE B 97 17.34 12.98 5.49
N ILE B 98 17.61 14.25 5.18
CA ILE B 98 17.26 14.83 3.90
C ILE B 98 18.53 15.14 3.13
N ASP B 99 18.71 14.45 2.01
CA ASP B 99 19.86 14.64 1.12
C ASP B 99 19.38 15.48 -0.05
N HIS B 100 19.54 16.79 0.08
CA HIS B 100 19.07 17.72 -0.95
C HIS B 100 19.75 17.53 -2.30
N ALA B 101 21.06 17.33 -2.29
CA ALA B 101 21.81 17.18 -3.53
C ALA B 101 21.28 16.04 -4.38
N ASN B 102 20.87 14.94 -3.74
CA ASN B 102 20.35 13.77 -4.46
C ASN B 102 18.83 13.65 -4.38
N LYS B 103 18.20 14.72 -3.91
CA LYS B 103 16.73 14.78 -3.76
C LYS B 103 16.17 13.49 -3.13
N THR B 104 16.78 13.09 -2.02
CA THR B 104 16.45 11.84 -1.35
C THR B 104 16.12 12.08 0.12
N ALA B 105 15.08 11.41 0.60
CA ALA B 105 14.71 11.46 2.02
C ALA B 105 14.64 10.05 2.57
N TYR B 106 15.22 9.86 3.75
CA TYR B 106 15.21 8.59 4.46
C TYR B 106 14.21 8.69 5.60
N ILE B 107 13.22 7.80 5.59
CA ILE B 107 12.07 7.89 6.47
C ILE B 107 12.21 7.04 7.73
N GLY B 108 11.73 7.58 8.85
CA GLY B 108 11.59 6.84 10.10
C GLY B 108 10.20 7.01 10.69
N TYR B 109 9.82 6.11 11.57
CA TYR B 109 8.50 6.19 12.19
C TYR B 109 8.38 5.30 13.41
N TRP B 110 7.50 5.70 14.31
CA TRP B 110 7.02 4.82 15.37
C TRP B 110 5.65 5.27 15.84
N LEU B 111 4.87 4.31 16.35
CA LEU B 111 3.57 4.57 16.97
C LEU B 111 3.51 3.86 18.30
N GLY B 112 2.93 4.53 19.30
CA GLY B 112 2.56 3.83 20.52
C GLY B 112 1.61 2.70 20.16
N ALA B 113 1.69 1.61 20.92
CA ALA B 113 0.86 0.44 20.63
C ALA B 113 -0.63 0.74 20.56
N ASN B 114 -1.10 1.69 21.38
CA ASN B 114 -2.52 2.06 21.38
C ASN B 114 -2.99 2.68 20.07
N PHE B 115 -2.03 3.09 19.23
CA PHE B 115 -2.31 3.79 17.97
C PHE B 115 -2.00 2.95 16.75
N GLN B 116 -1.51 1.73 16.97
CA GLN B 116 -1.22 0.83 15.87
C GLN B 116 -2.48 0.16 15.34
N GLY B 117 -2.42 -0.27 14.08
CA GLY B 117 -3.54 -0.97 13.47
C GLY B 117 -4.58 -0.09 12.82
N LYS B 118 -4.26 1.19 12.63
CA LYS B 118 -5.24 2.19 12.17
C LYS B 118 -4.81 2.92 10.89
N GLY B 119 -3.69 2.49 10.31
CA GLY B 119 -3.20 3.12 9.07
C GLY B 119 -2.61 4.50 9.25
N ILE B 120 -2.29 4.88 10.49
CA ILE B 120 -1.86 6.24 10.77
C ILE B 120 -0.54 6.61 10.11
N VAL B 121 0.45 5.71 10.19
CA VAL B 121 1.75 5.99 9.60
C VAL B 121 1.69 5.92 8.06
N THR B 122 0.96 4.94 7.54
CA THR B 122 0.74 4.85 6.10
C THR B 122 0.12 6.14 5.56
N ASN B 123 -0.93 6.62 6.22
CA ASN B 123 -1.56 7.87 5.79
C ASN B 123 -0.63 9.07 5.93
N ALA B 124 0.14 9.12 7.01
CA ALA B 124 1.11 10.19 7.21
C ALA B 124 2.18 10.20 6.12
N ILE B 125 2.75 9.03 5.83
CA ILE B 125 3.77 8.91 4.79
C ILE B 125 3.21 9.31 3.41
N ASN B 126 2.01 8.83 3.10
CA ASN B 126 1.38 9.19 1.83
C ASN B 126 1.28 10.72 1.69
N LYS B 127 0.88 11.40 2.77
CA LYS B 127 0.79 12.86 2.75
C LYS B 127 2.15 13.53 2.57
N LEU B 128 3.16 13.08 3.30
CA LEU B 128 4.50 13.64 3.18
C LEU B 128 5.08 13.46 1.79
N ILE B 129 4.83 12.31 1.18
CA ILE B 129 5.31 12.05 -0.17
C ILE B 129 4.59 12.95 -1.18
N GLN B 130 3.29 13.18 -0.98
CA GLN B 130 2.56 14.11 -1.82
C GLN B 130 3.16 15.52 -1.68
N GLU B 131 3.33 15.98 -0.45
CA GLU B 131 3.84 17.33 -0.19
C GLU B 131 5.25 17.58 -0.74
N TYR B 132 6.18 16.69 -0.39
CA TYR B 132 7.58 16.86 -0.79
C TYR B 132 7.85 16.44 -2.22
N GLY B 133 7.04 15.52 -2.73
CA GLY B 133 7.07 15.16 -4.15
C GLY B 133 6.55 16.29 -5.03
N ASP B 134 5.43 16.89 -4.63
CA ASP B 134 4.82 18.00 -5.39
C ASP B 134 5.71 19.24 -5.44
N SER B 135 6.47 19.47 -4.38
CA SER B 135 7.32 20.65 -4.26
C SER B 135 8.58 20.55 -5.13
N GLY B 136 8.89 19.33 -5.60
CA GLY B 136 10.09 19.07 -6.40
C GLY B 136 11.34 18.87 -5.55
N VAL B 137 11.17 18.91 -4.23
CA VAL B 137 12.32 18.83 -3.32
C VAL B 137 12.87 17.41 -3.20
N ILE B 138 11.97 16.43 -3.18
CA ILE B 138 12.37 15.02 -3.05
C ILE B 138 11.84 14.20 -4.22
N LYS B 139 12.71 13.40 -4.81
CA LYS B 139 12.33 12.44 -5.83
C LYS B 139 12.36 11.00 -5.32
N ARG B 140 13.31 10.70 -4.44
CA ARG B 140 13.53 9.36 -3.94
C ARG B 140 13.28 9.29 -2.45
N PHE B 141 12.29 8.48 -2.06
CA PHE B 141 11.99 8.24 -0.65
C PHE B 141 12.48 6.84 -0.29
N VAL B 142 13.12 6.71 0.87
CA VAL B 142 13.77 5.46 1.26
C VAL B 142 13.30 5.03 2.64
N ILE B 143 12.98 3.74 2.77
CA ILE B 143 12.78 3.13 4.08
C ILE B 143 13.75 1.96 4.23
N LYS B 144 14.56 2.01 5.29
CA LYS B 144 15.44 0.90 5.66
C LYS B 144 14.91 0.30 6.94
N CYS B 145 14.70 -1.01 6.96
CA CYS B 145 14.26 -1.64 8.19
C CYS B 145 14.75 -3.06 8.30
N ILE B 146 15.00 -3.47 9.53
CA ILE B 146 15.48 -4.82 9.81
C ILE B 146 14.54 -5.87 9.23
N VAL B 147 15.12 -6.90 8.62
CA VAL B 147 14.36 -7.92 7.92
C VAL B 147 13.32 -8.58 8.85
N ASP B 148 13.72 -8.83 10.10
CA ASP B 148 12.84 -9.47 11.07
C ASP B 148 11.75 -8.56 11.66
N ASN B 149 11.79 -7.26 11.37
CA ASN B 149 10.80 -6.33 11.89
C ASN B 149 9.55 -6.40 11.00
N LYS B 150 8.61 -7.26 11.37
CA LYS B 150 7.48 -7.57 10.51
C LYS B 150 6.62 -6.34 10.21
N LYS B 151 6.30 -5.57 11.24
CA LYS B 151 5.39 -4.44 11.06
C LYS B 151 6.02 -3.29 10.29
N SER B 152 7.33 -3.08 10.46
CA SER B 152 7.95 -1.99 9.72
C SER B 152 8.04 -2.32 8.22
N ASN B 153 8.38 -3.55 7.89
CA ASN B 153 8.34 -4.01 6.51
C ASN B 153 6.94 -3.91 5.91
N ALA B 154 5.93 -4.31 6.68
CA ALA B 154 4.55 -4.24 6.21
C ALA B 154 4.15 -2.81 5.88
N THR B 155 4.58 -1.85 6.70
CA THR B 155 4.31 -0.44 6.46
C THR B 155 4.97 0.05 5.17
N ALA B 156 6.24 -0.27 4.97
CA ALA B 156 6.93 0.11 3.73
C ALA B 156 6.16 -0.39 2.50
N LEU B 157 5.76 -1.66 2.54
CA LEU B 157 5.02 -2.25 1.43
C LEU B 157 3.65 -1.60 1.24
N ARG B 158 2.96 -1.32 2.34
CA ARG B 158 1.64 -0.68 2.35
C ARG B 158 1.68 0.72 1.74
N CYS B 159 2.82 1.39 1.91
CA CYS B 159 3.05 2.72 1.35
C CYS B 159 3.47 2.70 -0.12
N GLY B 160 3.52 1.50 -0.72
CA GLY B 160 3.81 1.37 -2.14
C GLY B 160 5.29 1.46 -2.48
N PHE B 161 6.15 1.17 -1.51
CA PHE B 161 7.60 1.14 -1.74
C PHE B 161 7.99 -0.22 -2.32
N THR B 162 9.05 -0.22 -3.12
CA THR B 162 9.57 -1.45 -3.74
C THR B 162 10.87 -1.86 -3.05
N LEU B 163 11.00 -3.14 -2.74
CA LEU B 163 12.22 -3.68 -2.17
C LEU B 163 13.35 -3.65 -3.18
N GLU B 164 14.43 -2.96 -2.85
CA GLU B 164 15.59 -2.88 -3.75
C GLU B 164 16.65 -3.92 -3.44
N GLY B 165 16.74 -4.34 -2.18
CA GLY B 165 17.72 -5.36 -1.80
C GLY B 165 17.85 -5.49 -0.31
N VAL B 166 18.81 -6.33 0.08
CA VAL B 166 19.10 -6.63 1.47
C VAL B 166 20.48 -6.09 1.80
N LEU B 167 20.52 -5.21 2.80
CA LEU B 167 21.75 -4.62 3.29
C LEU B 167 22.23 -5.49 4.44
N GLN B 168 23.27 -6.26 4.17
CA GLN B 168 23.75 -7.25 5.13
C GLN B 168 24.37 -6.64 6.39
N LYS B 169 23.91 -7.11 7.55
CA LYS B 169 24.50 -6.74 8.84
C LYS B 169 24.67 -5.23 8.97
N ALA B 170 23.56 -4.52 8.78
CA ALA B 170 23.58 -3.07 8.60
C ALA B 170 22.97 -2.26 9.75
N GLU B 171 22.25 -2.90 10.68
CA GLU B 171 21.66 -2.16 11.79
C GLU B 171 21.90 -2.88 13.10
N ILE B 172 22.48 -2.17 14.06
CA ILE B 172 22.83 -2.75 15.35
C ILE B 172 21.78 -2.46 16.41
N LEU B 173 21.21 -3.54 16.96
CA LEU B 173 20.30 -3.44 18.10
C LEU B 173 20.76 -4.44 19.13
N ASN B 174 20.85 -3.98 20.39
CA ASN B 174 21.19 -4.84 21.51
C ASN B 174 22.46 -5.67 21.25
N GLY B 175 23.46 -5.02 20.67
CA GLY B 175 24.77 -5.62 20.44
C GLY B 175 24.89 -6.55 19.25
N VAL B 176 23.85 -6.63 18.42
CA VAL B 176 23.84 -7.54 17.28
C VAL B 176 23.59 -6.77 15.97
N SER B 177 24.36 -7.07 14.93
CA SER B 177 24.13 -6.50 13.61
C SER B 177 23.10 -7.32 12.84
N TYR B 178 22.06 -6.65 12.38
CA TYR B 178 20.96 -7.29 11.63
C TYR B 178 20.93 -6.81 10.20
N ASP B 179 20.53 -7.70 9.30
CA ASP B 179 20.24 -7.35 7.92
C ASP B 179 19.07 -6.38 7.85
N GLN B 180 19.14 -5.45 6.91
CA GLN B 180 18.02 -4.56 6.62
C GLN B 180 17.52 -4.80 5.21
N ASN B 181 16.21 -4.70 5.03
CA ASN B 181 15.63 -4.46 3.73
C ASN B 181 15.69 -2.97 3.42
N ILE B 182 16.05 -2.63 2.18
CA ILE B 182 15.96 -1.24 1.73
C ILE B 182 14.87 -1.14 0.66
N TYR B 183 13.93 -0.23 0.91
CA TYR B 183 12.79 0.02 0.05
C TYR B 183 12.85 1.44 -0.48
N SER B 184 12.33 1.64 -1.69
CA SER B 184 12.23 2.99 -2.23
C SER B 184 10.88 3.26 -2.88
N LYS B 185 10.54 4.55 -2.93
CA LYS B 185 9.47 5.04 -3.75
C LYS B 185 9.99 6.26 -4.46
N VAL B 186 9.97 6.21 -5.79
CA VAL B 186 10.56 7.23 -6.63
C VAL B 186 9.45 7.94 -7.40
N ILE B 187 9.47 9.26 -7.31
CA ILE B 187 8.50 10.11 -7.98
C ILE B 187 9.13 10.62 -9.26
N1A ACO C . -4.17 -0.11 2.62
C2A ACO C . -5.17 0.57 2.02
N3A ACO C . -6.43 0.56 2.50
C4A ACO C . -6.71 -0.15 3.62
C5A ACO C . -5.69 -0.86 4.26
C6A ACO C . -4.42 -0.84 3.74
N6A ACO C . -3.43 -1.52 4.37
N7A ACO C . -6.22 -1.48 5.33
C8A ACO C . -7.53 -1.16 5.36
N9A ACO C . -7.82 -0.34 4.34
C1B ACO C . -9.20 0.11 4.02
C2B ACO C . -9.44 1.50 3.49
O2B ACO C . -9.67 2.41 4.56
C3B ACO C . -10.67 1.31 2.62
O3B ACO C . -11.84 1.10 3.44
P3B ACO C . -13.17 2.02 3.36
O7A ACO C . -13.91 1.67 4.63
O8A ACO C . -13.90 1.63 2.10
O9A ACO C . -12.66 3.43 3.31
C4B ACO C . -10.42 -0.05 1.99
O4B ACO C . -9.59 -0.75 2.91
C5B ACO C . -9.74 0.07 0.62
O5B ACO C . -9.40 -1.23 0.17
P1A ACO C . -9.16 -1.54 -1.39
O1A ACO C . -9.06 -0.26 -2.17
O2A ACO C . -8.07 -2.55 -1.53
O3A ACO C . -10.54 -2.26 -1.86
P2A ACO C . -11.93 -2.51 -1.09
O4A ACO C . -11.74 -3.48 0.03
O5A ACO C . -12.55 -1.18 -0.79
O6A ACO C . -12.73 -3.21 -2.27
CBP ACO C . -13.79 -3.37 -4.44
CCP ACO C . -13.13 -2.46 -3.42
CDP ACO C . -14.23 -2.52 -5.64
CEP ACO C . -12.76 -4.43 -4.87
CAP ACO C . -15.01 -4.04 -3.78
OAP ACO C . -15.89 -3.02 -3.31
C9P ACO C . -15.76 -5.00 -4.67
O9P ACO C . -15.30 -6.11 -4.93
N8P ACO C . -16.93 -4.60 -5.16
C7P ACO C . -17.85 -5.37 -6.00
C6P ACO C . -17.22 -5.74 -7.34
C5P ACO C . -16.84 -4.49 -8.12
O5P ACO C . -17.56 -3.51 -8.12
N4P ACO C . -15.69 -4.52 -8.78
C3P ACO C . -15.13 -3.43 -9.57
C2P ACO C . -15.74 -3.44 -10.97
S1P ACO C . -15.02 -2.13 -11.91
C ACO C . -13.46 -2.71 -12.21
O ACO C . -13.13 -3.88 -12.02
CH3 ACO C . -12.43 -1.74 -12.71
P AMP D . -15.73 -6.82 -14.81
O1P AMP D . -15.44 -6.82 -16.30
O2P AMP D . -15.78 -5.41 -14.26
O3P AMP D . -16.87 -7.69 -14.37
O5' AMP D . -14.39 -7.51 -14.24
C5' AMP D . -14.10 -7.40 -12.85
C4' AMP D . -13.33 -8.63 -12.38
O4' AMP D . -14.15 -9.80 -12.46
C3' AMP D . -12.06 -8.92 -13.18
O3' AMP D . -11.02 -9.13 -12.22
C2' AMP D . -12.39 -10.20 -13.93
O2' AMP D . -11.25 -11.02 -14.20
C1' AMP D . -13.34 -10.86 -12.96
N9 AMP D . -14.22 -11.88 -13.56
C8 AMP D . -14.87 -11.79 -14.74
N7 AMP D . -15.58 -12.91 -14.98
C5 AMP D . -15.39 -13.72 -13.95
C6 AMP D . -15.85 -15.07 -13.57
N6 AMP D . -16.68 -15.74 -14.40
N1 AMP D . -15.41 -15.58 -12.41
C2 AMP D . -14.60 -14.89 -11.60
N3 AMP D . -14.13 -13.66 -11.87
C4 AMP D . -14.50 -13.05 -13.01
N1A ACO E . -4.60 2.26 5.54
C2A ACO E . -3.59 1.48 5.92
N3A ACO E . -3.70 0.62 6.94
C4A ACO E . -4.87 0.54 7.63
C5A ACO E . -5.94 1.35 7.26
C6A ACO E . -5.79 2.21 6.18
N6A ACO E . -6.82 3.01 5.79
N7A ACO E . -6.96 1.07 8.09
C8A ACO E . -6.54 0.13 8.96
N9A ACO E . -5.26 -0.20 8.67
C1B ACO E . -4.47 -1.18 9.44
C2B ACO E . -3.74 -2.23 8.62
O2B ACO E . -4.61 -3.33 8.33
C3B ACO E . -2.60 -2.61 9.53
O3B ACO E . -3.11 -3.37 10.62
P3B ACO E . -2.60 -4.86 10.96
O7A ACO E . -3.51 -5.30 12.09
O8A ACO E . -1.15 -4.73 11.35
O9A ACO E . -2.82 -5.63 9.68
C4B ACO E . -2.21 -1.27 10.12
O4B ACO E . -3.41 -0.49 10.11
C5B ACO E . -1.17 -0.55 9.27
O5B ACO E . -0.98 0.76 9.77
P1A ACO E . 0.38 1.57 9.47
O1A ACO E . 1.15 0.95 8.33
O2A ACO E . 0.05 3.02 9.36
O3A ACO E . 1.26 1.37 10.81
P2A ACO E . 1.04 0.36 12.05
O4A ACO E . -0.10 0.85 12.91
O5A ACO E . 1.03 -1.05 11.55
O6A ACO E . 2.40 0.63 12.84
CBP ACO E . 4.84 0.69 13.10
CCP ACO E . 3.65 0.19 12.27
CDP ACO E . 6.11 0.13 12.48
CEP ACO E . 4.86 2.22 13.05
CAP ACO E . 4.67 0.18 14.55
OAP ACO E . 4.50 -1.25 14.53
C9P ACO E . 5.79 0.57 15.48
O9P ACO E . 5.89 1.73 15.89
N8P ACO E . 6.65 -0.38 15.83
C7P ACO E . 7.77 -0.23 16.75
C6P ACO E . 8.78 0.80 16.23
C5P ACO E . 9.33 0.42 14.88
O5P ACO E . 9.54 -0.75 14.58
N4P ACO E . 9.57 1.41 14.04
C3P ACO E . 10.08 1.25 12.69
C2P ACO E . 11.61 1.23 12.74
S1P ACO E . 12.26 1.11 11.10
C ACO E . 11.92 2.65 10.45
O ACO E . 11.64 3.61 11.17
CH3 ACO E . 12.00 2.82 8.97
P AMP F . 15.09 4.83 14.27
O1P AMP F . 16.37 5.48 13.80
O2P AMP F . 14.60 3.72 13.36
O3P AMP F . 15.10 4.44 15.72
O5' AMP F . 14.01 6.02 14.13
C5' AMP F . 12.62 5.74 14.11
C4' AMP F . 11.83 6.95 14.58
O4' AMP F . 12.15 7.27 15.94
C3' AMP F . 12.08 8.22 13.77
O3' AMP F . 10.81 8.75 13.41
C2' AMP F . 12.81 9.15 14.72
O2' AMP F . 12.54 10.53 14.51
C1' AMP F . 12.25 8.68 16.05
N9 AMP F . 13.10 9.02 17.21
C8 AMP F . 14.44 8.90 17.31
N7 AMP F . 14.87 9.31 18.53
C5 AMP F . 13.79 9.70 19.22
C6 AMP F . 13.55 10.24 20.57
N6 AMP F . 14.59 10.43 21.41
N1 AMP F . 12.28 10.52 20.91
C2 AMP F . 11.25 10.31 20.07
N3 AMP F . 11.38 9.82 18.81
C4 AMP F . 12.62 9.51 18.35
#